data_3TRC
#
_entry.id   3TRC
#
_cell.length_a   54.869
_cell.length_b   54.869
_cell.length_c   105.256
_cell.angle_alpha   90.000
_cell.angle_beta   90.000
_cell.angle_gamma   90.000
#
_symmetry.space_group_name_H-M   'P 43 21 2'
#
loop_
_entity.id
_entity.type
_entity.pdbx_description
1 polymer 'Phosphoenolpyruvate-protein phosphotransferase'
2 non-polymer 'PHOSPHATE ION'
3 non-polymer 'SODIUM ION'
4 water water
#
_entity_poly.entity_id   1
_entity_poly.type   'polypeptide(L)'
_entity_poly.pdbx_seq_one_letter_code
;SNA(MSE)N(MSE)LKILRQITQEVNAAPNLEQALKLVVVRLCEALPADACSLFICDDVHGEYVL(MSE)ATQGLNSKQV
GKLRLKFGEGLIGLVGEREEPINLADAPLHPAYKHRPELGEEDYHGFLGIPIIEQGELLGILVIQQLESHHFAEEEEAFC
VTLAIHLAAEIAHARAKGALEKL
;
_entity_poly.pdbx_strand_id   A
#
loop_
_chem_comp.id
_chem_comp.type
_chem_comp.name
_chem_comp.formula
NA non-polymer 'SODIUM ION' 'Na 1'
PO4 non-polymer 'PHOSPHATE ION' 'O4 P -3'
#
# COMPACT_ATOMS: atom_id res chain seq x y z
N SER A 1 -18.47 14.01 0.63
N SER A 1 -18.48 13.94 0.61
CA SER A 1 -17.17 13.80 1.25
CA SER A 1 -17.18 13.78 1.25
C SER A 1 -17.28 13.03 2.57
C SER A 1 -17.28 13.02 2.57
N ASN A 2 -16.32 12.15 2.82
CA ASN A 2 -16.35 11.27 3.98
C ASN A 2 -15.13 11.42 4.88
N ALA A 3 -14.68 12.66 5.03
CA ALA A 3 -13.52 12.95 5.87
C ALA A 3 -13.73 12.55 7.33
N MSE A 4 -14.93 12.78 7.86
N MSE A 4 -14.94 12.76 7.84
CA MSE A 4 -15.20 12.41 9.26
CA MSE A 4 -15.25 12.42 9.23
C MSE A 4 -15.03 10.91 9.47
C MSE A 4 -15.07 10.92 9.47
O MSE A 4 -14.46 10.48 10.47
O MSE A 4 -14.51 10.51 10.50
CB MSE A 4 -16.60 12.87 9.69
CB MSE A 4 -16.68 12.84 9.59
CG MSE A 4 -16.92 12.55 11.14
CG MSE A 4 -17.03 12.70 11.06
SE MSE A 4 -15.96 13.67 12.43
SE MSE A 4 -15.95 13.84 12.22
CE MSE A 4 -17.04 15.28 12.28
CE MSE A 4 -15.08 12.46 13.29
N ASN A 5 -15.52 10.10 8.53
CA ASN A 5 -15.31 8.65 8.60
C ASN A 5 -13.83 8.31 8.59
N MSE A 6 -13.09 8.87 7.64
CA MSE A 6 -11.66 8.63 7.54
C MSE A 6 -10.99 8.86 8.89
O MSE A 6 -10.15 8.08 9.33
CB MSE A 6 -11.03 9.55 6.50
CG MSE A 6 -11.55 9.32 5.09
SE MSE A 6 -11.14 7.51 4.50
CE MSE A 6 -12.91 6.76 4.56
N LEU A 7 -11.38 9.94 9.55
CA LEU A 7 -10.80 10.32 10.82
C LEU A 7 -11.00 9.23 11.88
N LYS A 8 -12.21 8.68 11.95
CA LYS A 8 -12.52 7.66 12.93
C LYS A 8 -11.93 6.29 12.55
N ILE A 9 -11.82 6.04 11.24
CA ILE A 9 -11.17 4.83 10.78
C ILE A 9 -9.70 4.88 11.17
N LEU A 10 -9.09 6.04 10.97
CA LEU A 10 -7.71 6.26 11.36
C LEU A 10 -7.56 5.97 12.84
N ARG A 11 -8.52 6.46 13.62
CA ARG A 11 -8.50 6.27 15.06
C ARG A 11 -8.45 4.78 15.40
N GLN A 12 -9.33 3.99 14.79
CA GLN A 12 -9.43 2.57 15.06
C GLN A 12 -8.21 1.78 14.55
N ILE A 13 -7.75 2.09 13.35
N ILE A 13 -7.74 2.09 13.36
CA ILE A 13 -6.62 1.36 12.78
CA ILE A 13 -6.62 1.36 12.79
C ILE A 13 -5.28 1.73 13.43
C ILE A 13 -5.28 1.72 13.44
N THR A 14 -5.13 2.99 13.82
CA THR A 14 -3.91 3.43 14.50
C THR A 14 -3.82 2.64 15.80
N GLN A 15 -4.97 2.48 16.45
CA GLN A 15 -5.10 1.67 17.64
C GLN A 15 -4.67 0.22 17.39
N GLU A 16 -5.24 -0.38 16.35
CA GLU A 16 -4.95 -1.78 16.04
C GLU A 16 -3.49 -2.02 15.63
N VAL A 17 -2.92 -1.07 14.87
CA VAL A 17 -1.51 -1.21 14.47
C VAL A 17 -0.59 -1.16 15.68
N ASN A 18 -0.81 -0.22 16.58
CA ASN A 18 0.04 -0.12 17.76
C ASN A 18 -0.12 -1.30 18.71
N ALA A 19 -1.25 -1.98 18.64
CA ALA A 19 -1.53 -3.14 19.48
C ALA A 19 -1.06 -4.46 18.85
N ALA A 20 -0.72 -4.41 17.57
CA ALA A 20 -0.23 -5.59 16.88
C ALA A 20 1.05 -6.10 17.53
N PRO A 21 1.17 -7.43 17.67
CA PRO A 21 2.32 -8.04 18.34
C PRO A 21 3.60 -8.09 17.52
N ASN A 22 3.50 -7.92 16.21
CA ASN A 22 4.69 -7.87 15.35
C ASN A 22 4.38 -7.15 14.05
N LEU A 23 5.41 -6.92 13.23
CA LEU A 23 5.26 -6.17 12.00
C LEU A 23 4.34 -6.87 11.03
N GLU A 24 4.53 -8.17 10.85
CA GLU A 24 3.73 -8.93 9.89
C GLU A 24 2.24 -8.79 10.20
N GLN A 25 1.89 -8.88 11.47
CA GLN A 25 0.50 -8.73 11.86
C GLN A 25 -0.02 -7.33 11.58
N ALA A 26 0.82 -6.32 11.79
CA ALA A 26 0.40 -4.95 11.52
C ALA A 26 0.11 -4.74 10.04
N LEU A 27 0.99 -5.27 9.20
CA LEU A 27 0.84 -5.11 7.76
C LEU A 27 -0.41 -5.83 7.28
N LYS A 28 -0.62 -7.05 7.79
CA LYS A 28 -1.75 -7.84 7.33
C LYS A 28 -3.06 -7.21 7.77
N LEU A 29 -3.04 -6.60 8.95
CA LEU A 29 -4.21 -5.92 9.49
C LEU A 29 -4.58 -4.74 8.62
N VAL A 30 -3.57 -3.97 8.23
CA VAL A 30 -3.77 -2.77 7.42
C VAL A 30 -4.39 -3.05 6.05
N VAL A 31 -3.87 -4.04 5.31
CA VAL A 31 -4.42 -4.28 3.98
C VAL A 31 -5.89 -4.73 4.04
N VAL A 32 -6.23 -5.49 5.08
CA VAL A 32 -7.60 -5.95 5.25
C VAL A 32 -8.51 -4.79 5.64
N ARG A 33 -8.06 -4.00 6.61
CA ARG A 33 -8.86 -2.89 7.13
C ARG A 33 -9.11 -1.83 6.07
N LEU A 34 -8.08 -1.51 5.29
N LEU A 34 -8.09 -1.54 5.27
CA LEU A 34 -8.25 -0.52 4.23
CA LEU A 34 -8.21 -0.52 4.24
C LEU A 34 -9.33 -0.96 3.26
C LEU A 34 -9.23 -0.92 3.17
N CYS A 35 -9.28 -2.21 2.84
CA CYS A 35 -10.28 -2.71 1.89
C CYS A 35 -11.68 -2.66 2.48
N GLU A 36 -11.80 -3.01 3.76
CA GLU A 36 -13.10 -3.00 4.41
C GLU A 36 -13.65 -1.59 4.59
N ALA A 37 -12.76 -0.67 4.95
CA ALA A 37 -13.18 0.63 5.49
C ALA A 37 -13.31 1.76 4.47
N LEU A 38 -12.49 1.75 3.43
CA LEU A 38 -12.53 2.84 2.46
C LEU A 38 -13.88 2.98 1.73
N PRO A 39 -14.39 1.89 1.12
CA PRO A 39 -13.76 0.58 0.92
C PRO A 39 -12.92 0.55 -0.36
N ALA A 40 -12.18 -0.54 -0.54
CA ALA A 40 -11.45 -0.77 -1.78
C ALA A 40 -11.47 -2.26 -2.06
N ASP A 41 -11.09 -2.66 -3.26
CA ASP A 41 -11.17 -4.08 -3.64
C ASP A 41 -9.87 -4.85 -3.46
N ALA A 42 -8.74 -4.15 -3.49
CA ALA A 42 -7.47 -4.76 -3.19
C ALA A 42 -6.53 -3.78 -2.53
N CYS A 43 -5.68 -4.29 -1.65
N CYS A 43 -5.65 -4.31 -1.67
CA CYS A 43 -4.67 -3.46 -1.02
CA CYS A 43 -4.69 -3.49 -0.96
C CYS A 43 -3.45 -4.33 -0.79
C CYS A 43 -3.43 -4.32 -0.72
N SER A 44 -2.29 -3.83 -1.20
CA SER A 44 -1.03 -4.57 -1.09
C SER A 44 0.05 -3.69 -0.50
N LEU A 45 0.97 -4.31 0.22
CA LEU A 45 2.08 -3.59 0.83
C LEU A 45 3.37 -4.25 0.40
N PHE A 46 4.26 -3.46 -0.18
CA PHE A 46 5.55 -3.94 -0.65
C PHE A 46 6.64 -3.35 0.22
N ILE A 47 7.69 -4.12 0.47
CA ILE A 47 8.83 -3.59 1.19
C ILE A 47 10.07 -3.65 0.30
N CYS A 48 10.89 -2.60 0.37
CA CYS A 48 12.11 -2.55 -0.42
C CYS A 48 13.12 -3.60 0.00
N ASP A 49 13.69 -4.29 -1.00
CA ASP A 49 14.81 -5.20 -0.80
C ASP A 49 15.98 -4.55 -1.52
N ASP A 50 16.71 -3.70 -0.81
CA ASP A 50 17.72 -2.87 -1.44
C ASP A 50 18.87 -3.66 -2.08
N VAL A 51 19.23 -4.79 -1.49
CA VAL A 51 20.31 -5.61 -2.05
C VAL A 51 20.00 -6.11 -3.47
N HIS A 52 18.76 -6.53 -3.71
CA HIS A 52 18.37 -7.06 -5.01
C HIS A 52 17.68 -6.02 -5.90
N GLY A 53 17.46 -4.84 -5.36
CA GLY A 53 16.83 -3.76 -6.11
C GLY A 53 15.41 -4.11 -6.55
N GLU A 54 14.66 -4.69 -5.63
CA GLU A 54 13.28 -5.11 -5.90
C GLU A 54 12.36 -4.78 -4.74
N TYR A 55 11.12 -4.48 -5.07
CA TYR A 55 10.05 -4.44 -4.09
C TYR A 55 9.54 -5.85 -3.87
N VAL A 56 9.33 -6.23 -2.61
CA VAL A 56 8.79 -7.56 -2.31
C VAL A 56 7.42 -7.44 -1.68
N LEU A 57 6.45 -8.17 -2.22
CA LEU A 57 5.11 -8.14 -1.64
C LEU A 57 5.16 -8.75 -0.24
N MSE A 58 4.66 -8.01 0.75
CA MSE A 58 4.72 -8.48 2.14
C MSE A 58 3.35 -8.66 2.81
O MSE A 58 3.25 -9.27 3.87
CB MSE A 58 5.65 -7.59 2.97
CG MSE A 58 7.14 -7.73 2.59
SE MSE A 58 7.84 -9.55 2.77
CE MSE A 58 7.86 -9.63 4.71
N ALA A 59 2.32 -8.14 2.17
CA ALA A 59 0.94 -8.32 2.64
C ALA A 59 -0.01 -7.96 1.52
N THR A 60 -1.13 -8.69 1.42
CA THR A 60 -2.13 -8.34 0.44
C THR A 60 -3.51 -8.78 0.87
N GLN A 61 -4.50 -7.99 0.47
CA GLN A 61 -5.89 -8.41 0.51
C GLN A 61 -6.41 -8.22 -0.91
N GLY A 62 -6.88 -9.29 -1.52
CA GLY A 62 -7.43 -9.20 -2.86
C GLY A 62 -6.59 -9.95 -3.88
N LEU A 63 -5.30 -10.06 -3.63
CA LEU A 63 -4.39 -10.76 -4.54
C LEU A 63 -4.12 -12.18 -4.05
N ASN A 64 -3.60 -13.01 -4.95
CA ASN A 64 -3.18 -14.37 -4.64
C ASN A 64 -2.29 -14.40 -3.39
N SER A 65 -2.77 -15.04 -2.32
CA SER A 65 -2.06 -14.97 -1.04
C SER A 65 -0.67 -15.62 -1.09
N LYS A 66 -0.48 -16.55 -2.01
CA LYS A 66 0.80 -17.25 -2.10
C LYS A 66 1.88 -16.31 -2.63
N GLN A 67 1.46 -15.20 -3.25
CA GLN A 67 2.43 -14.22 -3.75
C GLN A 67 3.11 -13.47 -2.62
N VAL A 68 2.52 -13.51 -1.42
CA VAL A 68 3.12 -12.81 -0.29
C VAL A 68 4.49 -13.41 0.03
N GLY A 69 5.51 -12.57 0.10
CA GLY A 69 6.86 -13.02 0.37
C GLY A 69 7.59 -13.46 -0.88
N LYS A 70 6.88 -13.45 -2.02
CA LYS A 70 7.41 -14.00 -3.27
C LYS A 70 7.41 -13.02 -4.45
N LEU A 71 6.31 -12.31 -4.64
CA LEU A 71 6.20 -11.38 -5.78
C LEU A 71 7.22 -10.27 -5.66
N ARG A 72 8.07 -10.14 -6.68
CA ARG A 72 9.12 -9.13 -6.70
C ARG A 72 9.01 -8.25 -7.94
N LEU A 73 9.15 -6.94 -7.73
CA LEU A 73 9.05 -5.96 -8.81
C LEU A 73 10.31 -5.12 -8.80
N LYS A 74 10.91 -4.92 -9.95
CA LYS A 74 12.18 -4.19 -10.02
C LYS A 74 12.03 -2.72 -9.72
N PHE A 75 12.98 -2.17 -8.96
CA PHE A 75 13.02 -0.73 -8.72
C PHE A 75 12.94 0.00 -10.07
N GLY A 76 12.13 1.05 -10.12
CA GLY A 76 12.11 1.96 -11.25
C GLY A 76 11.14 1.54 -12.34
N GLU A 77 10.63 0.32 -12.23
CA GLU A 77 9.81 -0.24 -13.30
C GLU A 77 8.32 -0.21 -13.00
N GLY A 78 7.54 -0.01 -14.05
CA GLY A 78 6.10 0.01 -13.92
C GLY A 78 5.56 1.16 -13.11
N LEU A 79 4.26 1.12 -12.85
CA LEU A 79 3.59 2.18 -12.13
C LEU A 79 4.02 2.19 -10.66
N ILE A 80 4.14 1.02 -10.07
CA ILE A 80 4.59 0.93 -8.69
C ILE A 80 6.02 1.47 -8.55
N GLY A 81 6.87 1.13 -9.52
CA GLY A 81 8.21 1.69 -9.57
C GLY A 81 8.18 3.21 -9.67
N LEU A 82 7.23 3.73 -10.43
CA LEU A 82 7.14 5.18 -10.60
C LEU A 82 6.77 5.85 -9.28
N VAL A 83 5.85 5.26 -8.53
CA VAL A 83 5.53 5.78 -7.19
C VAL A 83 6.80 5.85 -6.34
N GLY A 84 7.58 4.78 -6.36
CA GLY A 84 8.80 4.74 -5.55
C GLY A 84 9.83 5.79 -5.92
N GLU A 85 9.97 6.08 -7.20
CA GLU A 85 10.95 7.05 -7.65
C GLU A 85 10.49 8.49 -7.49
N ARG A 86 9.20 8.71 -7.65
CA ARG A 86 8.66 10.05 -7.45
C ARG A 86 8.63 10.42 -5.97
N GLU A 87 8.53 9.39 -5.12
CA GLU A 87 8.31 9.60 -3.69
C GLU A 87 7.10 10.51 -3.48
N GLU A 88 6.09 10.33 -4.34
CA GLU A 88 4.83 11.04 -4.26
C GLU A 88 3.71 10.07 -4.59
N PRO A 89 2.50 10.34 -4.08
CA PRO A 89 1.39 9.46 -4.47
C PRO A 89 1.06 9.56 -5.96
N ILE A 90 0.63 8.44 -6.53
CA ILE A 90 0.04 8.42 -7.85
C ILE A 90 -1.40 7.93 -7.70
N ASN A 91 -2.34 8.78 -8.11
CA ASN A 91 -3.78 8.55 -7.93
C ASN A 91 -4.45 8.61 -9.29
N LEU A 92 -4.94 7.46 -9.77
CA LEU A 92 -5.47 7.35 -11.12
C LEU A 92 -6.84 6.69 -11.14
N ALA A 93 -7.65 7.06 -12.13
CA ALA A 93 -8.96 6.43 -12.31
C ALA A 93 -8.86 5.13 -13.13
N ASP A 94 -7.86 5.04 -14.00
CA ASP A 94 -7.70 3.85 -14.84
C ASP A 94 -6.22 3.52 -15.06
N ALA A 95 -5.64 2.82 -14.10
CA ALA A 95 -4.21 2.51 -14.11
C ALA A 95 -3.71 1.84 -15.39
N PRO A 96 -4.47 0.86 -15.92
CA PRO A 96 -3.98 0.17 -17.12
C PRO A 96 -3.76 1.10 -18.31
N LEU A 97 -4.37 2.28 -18.31
CA LEU A 97 -4.17 3.23 -19.40
C LEU A 97 -2.91 4.07 -19.24
N HIS A 98 -2.30 4.03 -18.07
CA HIS A 98 -1.06 4.79 -17.83
C HIS A 98 0.07 4.16 -18.59
N PRO A 99 0.90 4.98 -19.26
CA PRO A 99 2.01 4.52 -20.09
C PRO A 99 3.02 3.64 -19.35
N ALA A 100 3.11 3.79 -18.02
CA ALA A 100 4.09 3.04 -17.24
C ALA A 100 3.57 1.70 -16.77
N TYR A 101 2.26 1.51 -16.88
CA TYR A 101 1.61 0.31 -16.36
C TYR A 101 2.05 -0.97 -17.09
N LYS A 102 2.38 -2.00 -16.32
CA LYS A 102 2.75 -3.29 -16.90
C LYS A 102 1.64 -4.30 -16.64
N HIS A 103 0.96 -4.73 -17.71
CA HIS A 103 -0.18 -5.62 -17.58
C HIS A 103 0.25 -7.08 -17.46
N ARG A 104 -0.20 -7.74 -16.40
CA ARG A 104 0.18 -9.13 -16.15
C ARG A 104 -1.04 -10.03 -16.03
N PRO A 105 -1.71 -10.27 -17.16
CA PRO A 105 -2.93 -11.09 -17.20
C PRO A 105 -2.66 -12.52 -16.73
N GLU A 106 -1.43 -12.97 -16.88
CA GLU A 106 -1.07 -14.35 -16.52
C GLU A 106 -1.26 -14.63 -15.03
N LEU A 107 -1.28 -13.58 -14.22
CA LEU A 107 -1.38 -13.74 -12.77
C LEU A 107 -2.80 -14.08 -12.30
N GLY A 108 -3.78 -13.89 -13.18
CA GLY A 108 -5.14 -14.29 -12.89
C GLY A 108 -5.81 -13.48 -11.80
N GLU A 109 -5.45 -12.21 -11.68
CA GLU A 109 -6.09 -11.33 -10.71
C GLU A 109 -7.28 -10.61 -11.34
N GLU A 110 -8.10 -9.97 -10.51
CA GLU A 110 -9.25 -9.20 -10.99
C GLU A 110 -8.81 -8.00 -11.81
N ASP A 111 -9.70 -7.50 -12.66
CA ASP A 111 -9.41 -6.35 -13.50
C ASP A 111 -9.63 -5.03 -12.77
N TYR A 112 -8.61 -4.56 -12.08
CA TYR A 112 -8.71 -3.30 -11.35
C TYR A 112 -8.45 -2.12 -12.26
N HIS A 113 -8.98 -0.96 -11.88
CA HIS A 113 -8.80 0.26 -12.65
C HIS A 113 -8.34 1.40 -11.77
N GLY A 114 -9.19 1.81 -10.83
CA GLY A 114 -8.81 2.84 -9.87
C GLY A 114 -7.56 2.42 -9.12
N PHE A 115 -6.65 3.37 -8.90
CA PHE A 115 -5.31 3.05 -8.36
C PHE A 115 -4.82 4.18 -7.46
N LEU A 116 -4.36 3.82 -6.27
CA LEU A 116 -3.66 4.77 -5.42
C LEU A 116 -2.38 4.13 -4.92
N GLY A 117 -1.25 4.67 -5.37
CA GLY A 117 0.05 4.17 -4.94
C GLY A 117 0.73 5.21 -4.08
N ILE A 118 1.16 4.78 -2.91
CA ILE A 118 1.69 5.69 -1.90
C ILE A 118 3.07 5.25 -1.41
N PRO A 119 4.05 6.14 -1.49
CA PRO A 119 5.39 5.77 -1.04
C PRO A 119 5.42 5.72 0.48
N ILE A 120 6.11 4.71 1.01
CA ILE A 120 6.28 4.58 2.45
C ILE A 120 7.68 5.05 2.78
N ILE A 121 7.78 6.22 3.38
CA ILE A 121 9.04 6.92 3.55
C ILE A 121 9.30 7.24 5.01
N GLU A 122 10.46 6.85 5.50
CA GLU A 122 10.87 7.16 6.86
C GLU A 122 11.99 8.17 6.79
N GLN A 123 11.69 9.39 7.24
CA GLN A 123 12.67 10.47 7.24
C GLN A 123 13.47 10.55 5.95
N GLY A 124 12.78 10.56 4.81
CA GLY A 124 13.43 10.71 3.51
C GLY A 124 13.93 9.42 2.87
N GLU A 125 13.86 8.31 3.60
CA GLU A 125 14.28 7.02 3.07
C GLU A 125 13.08 6.19 2.66
N LEU A 126 13.00 5.82 1.37
CA LEU A 126 11.93 4.95 0.89
C LEU A 126 12.06 3.53 1.45
N LEU A 127 11.01 3.06 2.13
CA LEU A 127 11.04 1.74 2.74
C LEU A 127 10.11 0.76 2.04
N GLY A 128 9.12 1.29 1.32
CA GLY A 128 8.16 0.42 0.67
C GLY A 128 7.10 1.20 -0.07
N ILE A 129 6.06 0.49 -0.50
N ILE A 129 6.06 0.49 -0.50
CA ILE A 129 4.97 1.08 -1.24
CA ILE A 129 4.97 1.10 -1.25
C ILE A 129 3.65 0.48 -0.80
C ILE A 129 3.63 0.48 -0.89
N LEU A 130 2.65 1.34 -0.63
CA LEU A 130 1.29 0.89 -0.33
C LEU A 130 0.44 1.08 -1.58
N VAL A 131 -0.23 0.02 -2.02
CA VAL A 131 -0.99 0.06 -3.27
C VAL A 131 -2.44 -0.29 -3.02
N ILE A 132 -3.33 0.64 -3.34
CA ILE A 132 -4.76 0.44 -3.16
C ILE A 132 -5.44 0.42 -4.53
N GLN A 133 -6.30 -0.56 -4.76
CA GLN A 133 -6.92 -0.69 -6.08
C GLN A 133 -8.40 -0.93 -5.95
N GLN A 134 -9.16 -0.55 -6.98
CA GLN A 134 -10.58 -0.85 -7.00
C GLN A 134 -11.03 -1.17 -8.42
N LEU A 135 -12.12 -1.90 -8.52
CA LEU A 135 -12.68 -2.29 -9.80
C LEU A 135 -13.25 -1.11 -10.57
N GLU A 136 -13.84 -0.15 -9.85
CA GLU A 136 -14.41 1.03 -10.50
C GLU A 136 -13.29 1.85 -11.11
N SER A 137 -13.58 2.46 -12.25
CA SER A 137 -12.61 3.37 -12.87
C SER A 137 -12.74 4.76 -12.26
N HIS A 138 -12.48 4.84 -10.96
CA HIS A 138 -12.56 6.08 -10.21
C HIS A 138 -11.23 6.31 -9.53
N HIS A 139 -10.74 7.53 -9.54
CA HIS A 139 -9.60 7.82 -8.69
C HIS A 139 -10.07 7.87 -7.23
N PHE A 140 -9.12 8.04 -6.32
CA PHE A 140 -9.44 8.09 -4.90
C PHE A 140 -9.62 9.53 -4.45
N ALA A 141 -10.67 9.78 -3.68
CA ALA A 141 -11.02 11.14 -3.29
C ALA A 141 -9.99 11.72 -2.32
N GLU A 142 -10.05 13.03 -2.13
CA GLU A 142 -9.06 13.73 -1.31
C GLU A 142 -8.89 13.17 0.09
N GLU A 143 -10.00 12.87 0.77
CA GLU A 143 -9.92 12.34 2.12
C GLU A 143 -9.37 10.92 2.14
N GLU A 144 -9.58 10.18 1.05
CA GLU A 144 -9.04 8.84 0.94
C GLU A 144 -7.54 8.89 0.83
N GLU A 145 -7.05 9.79 -0.02
CA GLU A 145 -5.61 9.91 -0.18
C GLU A 145 -4.95 10.40 1.12
N ALA A 146 -5.54 11.42 1.75
CA ALA A 146 -5.00 11.96 2.99
C ALA A 146 -4.96 10.89 4.08
N PHE A 147 -6.02 10.09 4.17
CA PHE A 147 -6.08 8.98 5.09
C PHE A 147 -4.94 7.99 4.84
N CYS A 148 -4.80 7.58 3.59
CA CYS A 148 -3.78 6.59 3.23
C CYS A 148 -2.36 7.12 3.42
N VAL A 149 -2.14 8.39 3.11
CA VAL A 149 -0.83 9.00 3.28
C VAL A 149 -0.48 9.08 4.76
N THR A 150 -1.43 9.55 5.57
CA THR A 150 -1.22 9.66 7.00
C THR A 150 -0.90 8.29 7.59
N LEU A 151 -1.63 7.27 7.11
CA LEU A 151 -1.40 5.90 7.52
C LEU A 151 0.01 5.41 7.15
N ALA A 152 0.45 5.74 5.94
CA ALA A 152 1.75 5.30 5.46
C ALA A 152 2.89 5.83 6.33
N ILE A 153 2.70 6.98 6.94
CA ILE A 153 3.70 7.52 7.87
C ILE A 153 3.85 6.57 9.05
N HIS A 154 2.73 6.04 9.52
CA HIS A 154 2.72 5.09 10.63
C HIS A 154 3.42 3.80 10.18
N LEU A 155 3.07 3.32 9.00
CA LEU A 155 3.69 2.11 8.46
C LEU A 155 5.19 2.25 8.32
N ALA A 156 5.64 3.42 7.88
CA ALA A 156 7.07 3.67 7.76
C ALA A 156 7.78 3.51 9.10
N ALA A 157 7.18 4.07 10.15
CA ALA A 157 7.76 3.97 11.48
C ALA A 157 7.81 2.53 11.95
N GLU A 158 6.75 1.78 11.68
CA GLU A 158 6.69 0.38 12.07
C GLU A 158 7.74 -0.46 11.35
N ILE A 159 7.90 -0.24 10.05
CA ILE A 159 8.93 -0.92 9.30
C ILE A 159 10.34 -0.55 9.77
N ALA A 160 10.57 0.74 9.98
CA ALA A 160 11.86 1.20 10.47
C ALA A 160 12.20 0.59 11.82
N HIS A 161 11.20 0.48 12.69
CA HIS A 161 11.41 -0.07 14.02
C HIS A 161 11.76 -1.55 13.94
N ALA A 162 11.03 -2.28 13.10
CA ALA A 162 11.31 -3.70 12.88
C ALA A 162 12.73 -3.91 12.37
N ARG A 163 13.15 -3.09 11.41
N ARG A 163 13.15 -3.09 11.41
CA ARG A 163 14.50 -3.17 10.88
CA ARG A 163 14.50 -3.18 10.88
C ARG A 163 15.54 -2.90 11.95
C ARG A 163 15.54 -2.89 11.95
N ALA A 164 15.29 -1.87 12.76
CA ALA A 164 16.23 -1.46 13.80
C ALA A 164 16.36 -2.50 14.90
N LYS A 165 15.36 -3.37 15.02
CA LYS A 165 15.36 -4.42 16.05
C LYS A 165 15.90 -5.74 15.50
N GLY A 166 16.23 -5.76 14.22
CA GLY A 166 16.74 -6.96 13.58
C GLY A 166 15.63 -7.94 13.24
N ALA A 167 14.38 -7.46 13.23
CA ALA A 167 13.23 -8.31 13.01
C ALA A 167 12.90 -8.52 11.53
N LEU A 168 13.73 -7.98 10.65
CA LEU A 168 13.54 -8.16 9.22
C LEU A 168 14.75 -8.83 8.57
P PO4 B . 3.26 -2.28 -12.50
O1 PO4 B . 4.38 -3.17 -12.95
O2 PO4 B . 2.03 -3.13 -12.25
O3 PO4 B . 3.63 -1.56 -11.23
O4 PO4 B . 2.92 -1.28 -13.57
NA NA C . 11.21 2.50 -7.84
#